data_2H1E
#
_entry.id   2H1E
#
_cell.length_a   136.185
_cell.length_b   136.185
_cell.length_c   57.516
_cell.angle_alpha   90.00
_cell.angle_beta   90.00
_cell.angle_gamma   90.00
#
_symmetry.space_group_name_H-M   'I 41'
#
loop_
_entity.id
_entity.type
_entity.pdbx_description
1 polymer 'Chromo domain protein 1'
2 water water
#
_entity_poly.entity_id   1
_entity_poly.type   'polypeptide(L)'
_entity_poly.pdbx_seq_one_letter_code
;MKKHHHHHHEDFHGIDIVINHRLKTSLEEGKVLEKTVPDLNNCKENYEFLIKWTDESHLHNTWETYESIGQVRGLKRLDN
YCKQFIIEDQQVRLDPYVTAEDIEIMDMERERRLDEFEEFHVPERIIDSQRASLEDGTSQLQYLVKWRRLNYDEATWENA
TDIVKLAPEQVKHFQKK
;
_entity_poly.pdbx_strand_id   A,B
#
# COMPACT_ATOMS: atom_id res chain seq x y z
N ASP A 11 -2.34 -6.62 28.79
CA ASP A 11 -1.28 -5.57 28.80
C ASP A 11 -0.13 -5.84 27.81
N PHE A 12 -0.41 -5.95 26.51
CA PHE A 12 0.66 -6.37 25.55
C PHE A 12 0.43 -5.99 24.11
N HIS A 13 1.49 -6.06 23.30
CA HIS A 13 1.29 -5.79 21.88
C HIS A 13 1.52 -6.88 20.87
N GLY A 14 0.45 -7.65 20.62
CA GLY A 14 0.45 -8.74 19.68
C GLY A 14 -0.47 -8.45 18.52
N ILE A 15 -0.54 -9.37 17.59
CA ILE A 15 -1.50 -9.31 16.51
C ILE A 15 -2.92 -9.52 17.06
N ASP A 16 -3.78 -8.54 16.84
CA ASP A 16 -5.20 -8.65 17.11
C ASP A 16 -5.87 -9.08 15.75
N ILE A 17 -5.71 -8.24 14.74
CA ILE A 17 -6.31 -8.48 13.43
C ILE A 17 -5.31 -8.11 12.35
N VAL A 18 -5.22 -8.95 11.33
CA VAL A 18 -4.53 -8.61 10.09
C VAL A 18 -5.59 -8.13 9.07
N ILE A 19 -5.46 -6.89 8.61
CA ILE A 19 -6.48 -6.22 7.83
C ILE A 19 -6.25 -6.40 6.34
N ASN A 20 -5.01 -6.29 5.89
CA ASN A 20 -4.73 -6.22 4.47
C ASN A 20 -3.29 -6.61 4.26
N HIS A 21 -2.89 -6.82 2.99
CA HIS A 21 -1.52 -7.03 2.59
C HIS A 21 -1.23 -6.15 1.37
N ARG A 22 0.05 -5.91 1.12
CA ARG A 22 0.49 -5.15 -0.02
C ARG A 22 1.93 -5.63 -0.37
N LEU A 23 2.40 -5.30 -1.56
CA LEU A 23 3.74 -5.62 -1.99
C LEU A 23 4.80 -5.02 -1.02
N LYS A 24 5.78 -5.84 -0.61
CA LYS A 24 6.87 -5.34 0.27
C LYS A 24 7.66 -4.19 -0.36
N THR A 25 8.12 -3.25 0.49
CA THR A 25 9.00 -2.16 0.10
C THR A 25 10.28 -2.74 -0.48
N SER A 26 10.75 -2.10 -1.57
CA SER A 26 12.01 -2.37 -2.22
C SER A 26 12.00 -3.71 -2.95
N LEU A 27 10.84 -4.22 -3.27
CA LEU A 27 10.77 -5.48 -3.98
C LEU A 27 10.05 -5.18 -5.33
N GLU A 28 10.56 -5.72 -6.43
CA GLU A 28 9.97 -5.51 -7.74
C GLU A 28 8.58 -6.08 -7.85
N GLU A 29 7.72 -5.30 -8.52
CA GLU A 29 6.33 -5.67 -8.66
C GLU A 29 6.19 -7.05 -9.28
N GLY A 30 7.02 -7.38 -10.26
CA GLY A 30 6.96 -8.69 -10.89
C GLY A 30 6.80 -9.87 -9.91
N LYS A 31 7.24 -9.70 -8.66
CA LYS A 31 7.36 -10.80 -7.68
C LYS A 31 6.00 -11.25 -7.21
N VAL A 32 5.04 -10.33 -7.19
CA VAL A 32 3.68 -10.65 -6.89
C VAL A 32 2.78 -10.71 -8.16
N LEU A 33 3.37 -10.75 -9.36
CA LEU A 33 2.58 -10.77 -10.62
C LEU A 33 2.65 -12.11 -11.35
N GLU A 34 3.30 -13.09 -10.71
CA GLU A 34 3.48 -14.39 -11.30
C GLU A 34 2.18 -15.17 -11.29
N LYS A 35 2.00 -16.05 -12.28
CA LYS A 35 0.76 -16.77 -12.39
C LYS A 35 0.84 -18.13 -11.76
N THR A 36 1.33 -18.19 -10.52
CA THR A 36 1.37 -19.41 -9.73
C THR A 36 0.92 -19.05 -8.32
N VAL A 37 0.37 -20.00 -7.59
CA VAL A 37 -0.11 -19.76 -6.24
C VAL A 37 1.09 -19.61 -5.29
N PRO A 38 1.13 -18.53 -4.48
CA PRO A 38 2.21 -18.42 -3.49
C PRO A 38 2.07 -19.48 -2.40
N ASP A 39 3.20 -19.87 -1.83
CA ASP A 39 3.18 -20.66 -0.66
C ASP A 39 3.48 -19.77 0.54
N LEU A 40 3.43 -20.28 1.75
CA LEU A 40 3.59 -19.45 2.92
C LEU A 40 4.95 -18.70 2.98
N ASN A 41 6.03 -19.35 2.54
CA ASN A 41 7.31 -18.68 2.38
C ASN A 41 7.33 -17.49 1.40
N ASN A 42 6.71 -17.64 0.23
CA ASN A 42 6.32 -16.49 -0.62
C ASN A 42 5.62 -15.37 0.08
N CYS A 43 4.61 -15.69 0.90
CA CYS A 43 3.91 -14.64 1.62
C CYS A 43 4.84 -13.84 2.56
N LYS A 44 5.72 -14.56 3.24
CA LYS A 44 6.63 -13.97 4.22
C LYS A 44 7.63 -13.04 3.55
N GLU A 45 8.12 -13.47 2.39
CA GLU A 45 9.11 -12.75 1.65
C GLU A 45 8.55 -11.58 0.79
N ASN A 46 7.31 -11.64 0.30
CA ASN A 46 6.90 -10.73 -0.79
C ASN A 46 5.99 -9.59 -0.31
N TYR A 47 5.41 -9.74 0.88
CA TYR A 47 4.37 -8.84 1.32
C TYR A 47 4.64 -8.17 2.70
N GLU A 48 3.89 -7.09 2.89
CA GLU A 48 3.69 -6.41 4.17
C GLU A 48 2.21 -6.52 4.48
N PHE A 49 1.90 -6.42 5.76
CA PHE A 49 0.62 -6.72 6.30
C PHE A 49 0.27 -5.62 7.27
N LEU A 50 -0.98 -5.23 7.25
CA LEU A 50 -1.50 -4.09 8.02
C LEU A 50 -2.09 -4.72 9.27
N ILE A 51 -1.44 -4.41 10.40
CA ILE A 51 -1.72 -4.99 11.68
C ILE A 51 -2.54 -4.05 12.58
N LYS A 52 -3.62 -4.58 13.15
CA LYS A 52 -4.32 -3.98 14.28
C LYS A 52 -3.75 -4.68 15.49
N TRP A 53 -3.31 -3.93 16.51
CA TRP A 53 -2.48 -4.45 17.59
C TRP A 53 -3.43 -4.66 18.73
N THR A 54 -3.12 -5.59 19.64
CA THR A 54 -4.02 -5.84 20.78
C THR A 54 -3.99 -4.66 21.78
N ASP A 55 -5.10 -4.30 22.40
CA ASP A 55 -5.03 -3.10 23.22
C ASP A 55 -4.47 -1.75 22.49
N GLU A 56 -4.55 -1.64 21.16
CA GLU A 56 -4.41 -0.33 20.54
C GLU A 56 -5.57 -0.12 19.60
N SER A 57 -6.06 1.11 19.50
CA SER A 57 -7.10 1.41 18.51
C SER A 57 -6.56 1.30 17.08
N HIS A 58 -7.47 1.27 16.12
CA HIS A 58 -7.12 1.25 14.69
C HIS A 58 -6.33 2.49 14.22
N LEU A 59 -6.28 3.53 15.04
CA LEU A 59 -5.44 4.70 14.78
C LEU A 59 -3.95 4.34 14.84
N HIS A 60 -3.65 3.22 15.47
CA HIS A 60 -2.27 2.80 15.70
C HIS A 60 -1.81 1.62 14.83
N ASN A 61 -2.63 1.23 13.84
CA ASN A 61 -2.34 0.12 12.95
C ASN A 61 -1.10 0.50 12.18
N THR A 62 -0.28 -0.51 11.85
CA THR A 62 0.95 -0.35 11.10
C THR A 62 1.17 -1.46 10.11
N TRP A 63 1.91 -1.15 9.04
CA TRP A 63 2.23 -2.16 8.04
C TRP A 63 3.56 -2.75 8.49
N GLU A 64 3.67 -4.06 8.49
CA GLU A 64 4.84 -4.75 8.98
C GLU A 64 5.18 -5.90 8.01
N THR A 65 6.42 -6.36 8.03
CA THR A 65 6.76 -7.62 7.37
C THR A 65 6.85 -8.70 8.44
N TYR A 66 6.93 -9.98 8.05
CA TYR A 66 7.32 -10.98 9.08
C TYR A 66 8.63 -10.64 9.77
N GLU A 67 9.57 -10.12 9.00
CA GLU A 67 10.86 -9.67 9.53
C GLU A 67 10.69 -8.57 10.56
N SER A 68 10.00 -7.48 10.23
CA SER A 68 9.90 -6.39 11.22
C SER A 68 9.05 -6.75 12.45
N ILE A 69 8.02 -7.58 12.33
CA ILE A 69 7.24 -7.88 13.52
C ILE A 69 8.06 -8.73 14.51
N GLY A 70 9.00 -9.54 13.99
CA GLY A 70 9.84 -10.38 14.87
C GLY A 70 9.04 -11.38 15.73
N GLN A 71 9.48 -11.56 16.95
CA GLN A 71 8.87 -12.56 17.83
C GLN A 71 7.65 -12.00 18.58
N VAL A 72 6.48 -12.30 18.07
CA VAL A 72 5.32 -11.48 18.34
C VAL A 72 4.25 -12.49 18.72
N ARG A 73 3.37 -12.09 19.64
CA ARG A 73 2.12 -12.82 19.96
C ARG A 73 1.10 -12.70 18.83
N GLY A 74 0.35 -13.78 18.61
CA GLY A 74 -0.78 -13.78 17.67
C GLY A 74 -0.27 -14.04 16.26
N LEU A 75 0.94 -14.61 16.11
CA LEU A 75 1.49 -14.97 14.79
C LEU A 75 0.61 -15.88 13.96
N LYS A 76 -0.03 -16.85 14.60
CA LYS A 76 -1.00 -17.72 13.91
C LYS A 76 -2.05 -16.91 13.08
N ARG A 77 -2.45 -15.74 13.58
CA ARG A 77 -3.36 -14.86 12.89
C ARG A 77 -2.80 -14.32 11.61
N LEU A 78 -1.49 -14.06 11.56
CA LEU A 78 -0.82 -13.66 10.31
C LEU A 78 -0.74 -14.87 9.34
N ASP A 79 -0.28 -16.02 9.83
CA ASP A 79 -0.34 -17.26 9.06
C ASP A 79 -1.74 -17.56 8.50
N ASN A 80 -2.79 -17.39 9.28
CA ASN A 80 -4.21 -17.64 8.76
C ASN A 80 -4.67 -16.56 7.75
N TYR A 81 -4.20 -15.33 7.94
CA TYR A 81 -4.49 -14.27 6.99
C TYR A 81 -3.87 -14.75 5.69
N CYS A 82 -2.57 -15.10 5.72
CA CYS A 82 -1.91 -15.53 4.47
C CYS A 82 -2.62 -16.67 3.79
N LYS A 83 -2.95 -17.74 4.53
CA LYS A 83 -3.73 -18.87 4.00
C LYS A 83 -5.02 -18.51 3.32
N GLN A 84 -5.91 -17.80 4.01
CA GLN A 84 -7.19 -17.38 3.47
C GLN A 84 -7.08 -16.30 2.37
N PHE A 85 -6.42 -15.18 2.65
CA PHE A 85 -6.52 -14.02 1.79
C PHE A 85 -5.46 -13.92 0.72
N ILE A 86 -4.36 -14.67 0.83
CA ILE A 86 -3.42 -14.67 -0.27
C ILE A 86 -3.43 -16.02 -0.98
N ILE A 87 -3.23 -17.10 -0.23
CA ILE A 87 -3.01 -18.41 -0.84
C ILE A 87 -4.23 -19.15 -1.50
N GLU A 88 -5.27 -19.48 -0.73
CA GLU A 88 -6.71 -19.52 -1.14
C GLU A 88 -7.32 -18.58 -2.10
N ASP A 89 -7.17 -17.30 -1.88
CA ASP A 89 -7.58 -16.38 -2.88
C ASP A 89 -6.92 -16.75 -4.19
N GLN A 90 -5.59 -16.91 -4.22
CA GLN A 90 -4.92 -17.22 -5.51
C GLN A 90 -5.21 -18.59 -6.14
N GLN A 91 -5.41 -19.62 -5.34
CA GLN A 91 -5.97 -20.90 -5.80
C GLN A 91 -7.22 -20.67 -6.64
N VAL A 92 -8.17 -19.89 -6.09
CA VAL A 92 -9.41 -19.54 -6.81
C VAL A 92 -9.15 -18.67 -8.04
N ARG A 93 -8.34 -17.61 -7.94
CA ARG A 93 -8.14 -16.73 -9.07
C ARG A 93 -7.36 -17.32 -10.25
N LEU A 94 -6.36 -18.13 -9.94
CA LEU A 94 -5.40 -18.58 -10.95
C LEU A 94 -5.88 -19.93 -11.49
N ASP A 95 -6.87 -20.45 -10.84
CA ASP A 95 -7.62 -21.58 -11.29
C ASP A 95 -8.22 -21.59 -12.65
N PRO A 96 -8.86 -22.76 -12.86
CA PRO A 96 -9.19 -23.51 -14.09
C PRO A 96 -10.13 -23.36 -15.28
N TYR A 97 -11.45 -23.26 -15.10
CA TYR A 97 -12.46 -23.23 -14.02
C TYR A 97 -12.79 -21.92 -13.24
N VAL A 98 -11.98 -20.84 -13.39
CA VAL A 98 -12.44 -19.63 -12.71
C VAL A 98 -13.33 -18.94 -13.67
N THR A 99 -14.37 -18.37 -13.10
CA THR A 99 -15.26 -17.55 -13.90
C THR A 99 -15.16 -16.05 -13.60
N ALA A 100 -15.57 -15.26 -14.57
CA ALA A 100 -15.71 -13.83 -14.44
C ALA A 100 -16.55 -13.46 -13.18
N GLU A 101 -17.63 -14.19 -12.95
CA GLU A 101 -18.44 -13.96 -11.76
C GLU A 101 -17.74 -14.22 -10.45
N ASP A 102 -17.00 -15.33 -10.36
CA ASP A 102 -16.19 -15.59 -9.16
C ASP A 102 -15.25 -14.42 -8.84
N ILE A 103 -14.59 -13.89 -9.82
CA ILE A 103 -13.62 -12.83 -9.62
C ILE A 103 -14.33 -11.55 -9.12
N GLU A 104 -15.51 -11.24 -9.67
CA GLU A 104 -16.21 -10.02 -9.32
C GLU A 104 -16.72 -10.20 -7.94
N ILE A 105 -17.18 -11.39 -7.59
CA ILE A 105 -17.68 -11.62 -6.23
C ILE A 105 -16.58 -11.44 -5.16
N MET A 106 -15.47 -12.14 -5.34
CA MET A 106 -14.28 -11.96 -4.53
C MET A 106 -13.74 -10.55 -4.43
N ASP A 107 -13.57 -9.85 -5.53
CA ASP A 107 -13.22 -8.41 -5.51
C ASP A 107 -14.15 -7.55 -4.63
N MET A 108 -15.47 -7.84 -4.73
CA MET A 108 -16.50 -7.05 -4.04
C MET A 108 -16.45 -7.32 -2.59
N GLU A 109 -16.28 -8.60 -2.24
CA GLU A 109 -16.11 -9.03 -0.86
C GLU A 109 -14.90 -8.43 -0.15
N ARG A 110 -13.77 -8.39 -0.84
CA ARG A 110 -12.60 -7.75 -0.31
C ARG A 110 -12.83 -6.25 -0.06
N GLU A 111 -13.35 -5.56 -1.10
CA GLU A 111 -13.68 -4.15 -1.06
C GLU A 111 -14.61 -3.80 0.10
N ARG A 112 -15.63 -4.61 0.31
CA ARG A 112 -16.60 -4.38 1.37
C ARG A 112 -15.91 -4.58 2.73
N ARG A 113 -15.07 -5.60 2.81
CA ARG A 113 -14.32 -5.88 4.05
C ARG A 113 -13.45 -4.66 4.38
N LEU A 114 -12.68 -4.15 3.40
CA LEU A 114 -11.74 -3.05 3.61
C LEU A 114 -12.44 -1.73 3.85
N ASP A 115 -13.54 -1.45 3.13
CA ASP A 115 -14.37 -0.26 3.46
C ASP A 115 -14.82 -0.24 4.92
N GLU A 116 -15.33 -1.34 5.49
CA GLU A 116 -15.66 -1.41 6.93
C GLU A 116 -14.49 -1.03 7.85
N PHE A 117 -13.30 -1.59 7.64
CA PHE A 117 -12.12 -1.25 8.44
C PHE A 117 -11.79 0.23 8.41
N GLU A 118 -12.05 0.91 7.28
CA GLU A 118 -11.80 2.35 7.20
C GLU A 118 -12.51 3.15 8.26
N GLU A 119 -13.71 2.74 8.64
CA GLU A 119 -14.55 3.39 9.66
C GLU A 119 -13.88 3.46 11.00
N PHE A 120 -13.08 2.46 11.30
CA PHE A 120 -12.67 2.18 12.71
C PHE A 120 -11.59 3.22 13.25
N HIS A 121 -10.98 4.01 12.37
CA HIS A 121 -10.02 5.02 12.83
C HIS A 121 -10.67 6.41 12.76
N VAL A 122 -12.00 6.42 12.61
CA VAL A 122 -12.70 7.67 12.54
C VAL A 122 -13.56 7.85 13.83
N PRO A 123 -13.24 8.88 14.65
CA PRO A 123 -14.05 9.08 15.84
C PRO A 123 -15.49 9.40 15.49
N GLU A 124 -16.40 8.71 16.15
CA GLU A 124 -17.80 9.08 16.10
C GLU A 124 -18.11 10.17 17.16
N ARG A 125 -17.66 9.94 18.41
CA ARG A 125 -17.92 10.82 19.57
C ARG A 125 -16.69 10.80 20.46
N ILE A 126 -16.40 11.91 21.14
CA ILE A 126 -15.58 11.88 22.36
C ILE A 126 -16.48 11.70 23.57
N ILE A 127 -16.15 10.74 24.42
CA ILE A 127 -17.06 10.32 25.49
C ILE A 127 -16.73 10.99 26.83
N ASP A 128 -15.46 11.26 27.07
CA ASP A 128 -14.96 11.69 28.38
C ASP A 128 -13.53 12.19 28.14
N SER A 129 -13.06 13.05 29.03
CA SER A 129 -11.68 13.48 29.02
C SER A 129 -11.09 13.19 30.42
N GLN A 130 -9.81 12.82 30.49
CA GLN A 130 -9.06 12.82 31.75
C GLN A 130 -7.68 13.32 31.43
N ARG A 131 -7.00 13.84 32.43
CA ARG A 131 -5.66 14.29 32.24
C ARG A 131 -4.73 13.26 32.87
N ALA A 132 -3.81 12.69 32.08
CA ALA A 132 -2.86 11.71 32.59
C ALA A 132 -1.67 12.36 33.28
N SER A 133 -1.26 11.78 34.41
CA SER A 133 -0.05 12.17 35.14
C SER A 133 1.14 11.33 34.68
N LEU A 134 2.14 11.99 34.11
CA LEU A 134 3.29 11.30 33.54
C LEU A 134 4.39 11.20 34.59
N GLU A 135 5.29 10.23 34.35
CA GLU A 135 6.44 9.95 35.21
C GLU A 135 7.34 11.16 35.41
N ASP A 136 7.66 11.84 34.31
CA ASP A 136 8.48 13.05 34.31
C ASP A 136 7.85 14.26 35.02
N GLY A 137 6.68 14.08 35.61
CA GLY A 137 6.06 15.14 36.44
C GLY A 137 5.13 16.04 35.63
N THR A 138 5.11 15.81 34.32
CA THR A 138 4.28 16.61 33.44
C THR A 138 2.91 15.91 33.23
N SER A 139 1.98 16.51 32.48
CA SER A 139 0.66 15.87 32.28
C SER A 139 0.11 16.01 30.88
N GLN A 140 -0.66 15.01 30.45
CA GLN A 140 -1.27 15.05 29.12
C GLN A 140 -2.75 14.63 29.13
N LEU A 141 -3.58 15.43 28.46
CA LEU A 141 -4.97 15.17 28.41
C LEU A 141 -5.37 13.99 27.52
N GLN A 142 -6.51 13.36 27.82
CA GLN A 142 -6.67 12.02 27.23
C GLN A 142 -8.15 12.13 26.97
N TYR A 143 -8.58 11.81 25.72
CA TYR A 143 -9.97 11.62 25.34
C TYR A 143 -10.35 10.17 25.15
N LEU A 144 -11.56 9.85 25.60
CA LEU A 144 -12.16 8.54 25.42
C LEU A 144 -13.01 8.60 24.16
N VAL A 145 -12.55 7.91 23.11
CA VAL A 145 -13.16 7.99 21.81
C VAL A 145 -13.96 6.72 21.53
N LYS A 146 -15.25 6.89 21.26
CA LYS A 146 -16.08 5.92 20.51
C LYS A 146 -15.79 6.01 19.01
N TRP A 147 -15.37 4.89 18.40
CA TRP A 147 -15.12 4.85 16.97
C TRP A 147 -16.39 4.53 16.17
N ARG A 148 -16.45 5.02 14.93
CA ARG A 148 -17.54 4.67 14.02
C ARG A 148 -17.65 3.15 13.88
N ARG A 149 -18.89 2.63 13.91
CA ARG A 149 -19.17 1.21 13.70
C ARG A 149 -18.48 0.19 14.63
N LEU A 150 -17.93 0.60 15.77
CA LEU A 150 -17.19 -0.36 16.62
C LEU A 150 -17.93 -1.28 17.70
N ASN A 151 -18.38 -0.84 18.86
CA ASN A 151 -18.38 0.47 19.38
C ASN A 151 -18.24 1.02 20.83
N TYR A 152 -18.71 0.31 21.84
CA TYR A 152 -18.57 0.94 23.15
C TYR A 152 -17.53 0.30 24.02
N ASP A 153 -17.46 -1.01 23.97
CA ASP A 153 -16.34 -1.71 24.60
C ASP A 153 -15.02 -1.48 23.90
N GLU A 154 -15.07 -0.91 22.70
CA GLU A 154 -13.87 -0.74 21.92
C GLU A 154 -13.45 0.71 21.93
N ALA A 155 -14.18 1.51 22.70
CA ALA A 155 -13.84 2.92 22.82
C ALA A 155 -12.47 2.94 23.47
N THR A 156 -11.63 3.86 23.06
CA THR A 156 -10.28 3.91 23.62
C THR A 156 -9.85 5.29 24.12
N TRP A 157 -9.10 5.29 25.21
CA TRP A 157 -8.38 6.47 25.61
C TRP A 157 -7.24 6.85 24.68
N GLU A 158 -7.25 8.09 24.17
CA GLU A 158 -6.27 8.53 23.18
C GLU A 158 -5.68 9.87 23.58
N ASN A 159 -4.45 10.13 23.15
CA ASN A 159 -3.85 11.42 23.44
C ASN A 159 -4.74 12.53 22.87
N ALA A 160 -5.09 13.54 23.68
CA ALA A 160 -6.08 14.54 23.24
C ALA A 160 -5.63 15.31 22.02
N THR A 161 -4.33 15.51 21.88
CA THR A 161 -3.88 16.30 20.78
C THR A 161 -3.80 15.34 19.58
N ASP A 162 -3.99 14.04 19.73
CA ASP A 162 -3.74 13.40 18.43
C ASP A 162 -5.10 13.74 17.87
N ILE A 163 -6.09 13.95 18.71
CA ILE A 163 -7.40 13.47 18.34
C ILE A 163 -7.87 14.86 17.78
N VAL A 164 -7.25 15.97 18.21
CA VAL A 164 -7.50 17.21 17.43
C VAL A 164 -6.92 17.32 16.07
N LYS A 165 -5.70 16.82 15.86
CA LYS A 165 -5.18 16.71 14.50
C LYS A 165 -6.11 15.87 13.59
N LEU A 166 -6.73 14.85 14.17
CA LEU A 166 -7.51 13.83 13.44
C LEU A 166 -9.01 14.22 13.24
N ALA A 167 -9.57 14.81 14.26
CA ALA A 167 -11.01 14.99 14.35
C ALA A 167 -11.29 16.32 15.12
N PRO A 168 -10.83 17.45 14.55
CA PRO A 168 -11.00 18.76 15.25
C PRO A 168 -12.50 19.14 15.52
N GLU A 169 -13.38 18.89 14.56
CA GLU A 169 -14.83 19.10 14.77
C GLU A 169 -15.47 18.26 15.90
N GLN A 170 -15.04 17.03 16.09
CA GLN A 170 -15.71 16.18 17.05
C GLN A 170 -15.07 16.55 18.38
N VAL A 171 -13.92 17.19 18.29
CA VAL A 171 -13.48 17.97 19.44
C VAL A 171 -14.17 19.33 19.62
N LYS A 172 -14.53 20.08 18.53
CA LYS A 172 -15.32 21.23 19.03
C LYS A 172 -16.66 20.68 19.61
N HIS A 173 -17.14 19.53 19.17
CA HIS A 173 -18.47 19.41 19.68
C HIS A 173 -18.48 18.82 21.12
N PHE A 174 -17.45 18.02 21.40
CA PHE A 174 -17.22 17.61 22.79
C PHE A 174 -17.08 18.81 23.74
N GLN A 175 -16.40 19.86 23.28
CA GLN A 175 -16.13 21.04 24.10
C GLN A 175 -17.20 22.18 24.15
N LYS A 176 -18.39 22.01 23.54
CA LYS A 176 -19.31 23.15 23.41
C LYS A 176 -20.10 23.34 24.71
N HIS B 13 19.94 3.78 -13.38
CA HIS B 13 18.92 3.46 -12.33
C HIS B 13 18.54 4.74 -11.57
N GLY B 14 17.86 5.67 -12.26
CA GLY B 14 17.35 6.88 -11.61
C GLY B 14 15.83 6.83 -11.62
N ILE B 15 15.21 7.86 -11.06
CA ILE B 15 13.79 8.01 -11.08
C ILE B 15 13.29 8.43 -12.46
N ASP B 16 12.47 7.61 -13.09
CA ASP B 16 11.85 7.91 -14.36
C ASP B 16 10.48 8.58 -14.04
N ILE B 17 9.61 7.86 -13.31
CA ILE B 17 8.28 8.34 -13.01
C ILE B 17 7.96 7.90 -11.59
N VAL B 18 7.29 8.75 -10.83
CA VAL B 18 6.69 8.36 -9.59
C VAL B 18 5.18 8.17 -9.84
N ILE B 19 4.68 6.98 -9.50
CA ILE B 19 3.37 6.53 -9.87
C ILE B 19 2.39 6.71 -8.72
N ASN B 20 2.81 6.41 -7.50
CA ASN B 20 1.86 6.42 -6.42
C ASN B 20 2.60 6.57 -5.10
N HIS B 21 1.84 6.85 -4.03
CA HIS B 21 2.41 6.87 -2.70
C HIS B 21 1.47 6.04 -1.78
N ARG B 22 1.98 5.66 -0.63
CA ARG B 22 1.21 4.92 0.34
C ARG B 22 1.92 5.16 1.68
N LEU B 23 1.22 4.92 2.79
CA LEU B 23 1.79 5.00 4.13
C LEU B 23 3.07 4.14 4.29
N LYS B 24 4.08 4.72 4.95
CA LYS B 24 5.34 4.05 5.18
C LYS B 24 5.20 2.91 6.17
N THR B 25 5.98 1.85 5.92
CA THR B 25 6.06 0.68 6.76
C THR B 25 6.49 1.10 8.15
N SER B 26 5.82 0.50 9.14
CA SER B 26 6.12 0.55 10.56
C SER B 26 5.71 1.90 11.14
N LEU B 27 4.82 2.60 10.46
CA LEU B 27 4.39 3.89 10.90
C LEU B 27 2.85 3.86 11.10
N GLU B 28 2.40 4.37 12.23
CA GLU B 28 0.99 4.42 12.58
C GLU B 28 0.11 5.14 11.60
N GLU B 29 -1.05 4.55 11.28
CA GLU B 29 -1.97 5.11 10.27
C GLU B 29 -2.29 6.59 10.61
N GLY B 30 -2.58 6.85 11.89
CA GLY B 30 -2.82 8.19 12.42
C GLY B 30 -2.00 9.31 11.80
N LYS B 31 -0.77 9.00 11.35
CA LYS B 31 0.21 10.00 10.89
C LYS B 31 -0.15 10.68 9.61
N VAL B 32 -0.79 9.94 8.72
CA VAL B 32 -1.31 10.43 7.45
C VAL B 32 -2.85 10.68 7.53
N LEU B 33 -3.41 10.79 8.72
CA LEU B 33 -4.87 10.98 8.89
C LEU B 33 -5.17 12.33 9.50
N GLU B 34 -4.10 13.11 9.75
CA GLU B 34 -4.24 14.46 10.28
C GLU B 34 -4.99 15.40 9.31
N LYS B 35 -5.71 16.34 9.87
CA LYS B 35 -6.49 17.23 9.04
C LYS B 35 -5.74 18.52 8.81
N THR B 36 -4.46 18.44 8.44
CA THR B 36 -3.62 19.58 8.08
C THR B 36 -2.83 19.18 6.84
N VAL B 37 -2.39 20.15 6.05
CA VAL B 37 -1.63 19.87 4.85
C VAL B 37 -0.19 19.43 5.20
N PRO B 38 0.27 18.29 4.65
CA PRO B 38 1.69 18.00 4.86
C PRO B 38 2.65 18.99 4.18
N ASP B 39 3.79 19.22 4.84
CA ASP B 39 5.07 19.71 4.33
C ASP B 39 5.75 18.68 3.46
N LEU B 40 6.74 19.14 2.70
CA LEU B 40 7.70 18.23 2.07
C LEU B 40 8.46 17.32 3.07
N ASN B 41 8.87 17.85 4.21
CA ASN B 41 9.38 17.02 5.30
C ASN B 41 8.43 15.93 5.80
N ASN B 42 7.14 16.27 5.99
CA ASN B 42 6.08 15.25 6.13
C ASN B 42 6.05 14.21 5.04
N CYS B 43 6.18 14.62 3.79
CA CYS B 43 6.16 13.64 2.72
C CYS B 43 7.27 12.63 2.78
N LYS B 44 8.48 13.09 3.11
CA LYS B 44 9.66 12.22 3.18
C LYS B 44 9.56 11.26 4.37
N GLU B 45 9.02 11.75 5.46
CA GLU B 45 8.91 10.98 6.66
C GLU B 45 7.74 9.94 6.64
N ASN B 46 6.61 10.25 5.99
CA ASN B 46 5.37 9.49 6.19
C ASN B 46 5.03 8.48 5.09
N TYR B 47 5.70 8.56 3.95
CA TYR B 47 5.21 7.84 2.74
C TYR B 47 6.30 7.04 2.07
N GLU B 48 5.84 5.99 1.37
CA GLU B 48 6.60 5.29 0.34
C GLU B 48 6.01 5.67 -1.03
N PHE B 49 6.81 5.54 -2.08
CA PHE B 49 6.54 6.03 -3.41
C PHE B 49 6.85 4.90 -4.35
N LEU B 50 5.96 4.67 -5.31
CA LEU B 50 6.12 3.60 -6.28
C LEU B 50 6.92 4.22 -7.45
N ILE B 51 8.13 3.71 -7.68
CA ILE B 51 9.09 4.28 -8.55
C ILE B 51 9.19 3.40 -9.80
N LYS B 52 9.07 4.05 -10.94
CA LYS B 52 9.48 3.51 -12.20
C LYS B 52 10.87 4.04 -12.55
N TRP B 53 11.82 3.12 -12.80
CA TRP B 53 13.23 3.41 -12.94
C TRP B 53 13.55 3.64 -14.40
N THR B 54 14.59 4.42 -14.64
CA THR B 54 14.99 4.74 -15.97
C THR B 54 15.51 3.51 -16.73
N ASP B 55 16.20 2.64 -16.02
CA ASP B 55 16.82 1.52 -16.78
C ASP B 55 15.82 0.34 -17.12
N GLU B 56 14.54 0.49 -16.76
CA GLU B 56 13.73 -0.67 -16.51
C GLU B 56 12.27 -0.52 -16.88
N SER B 57 11.66 -1.63 -17.29
CA SER B 57 10.21 -1.69 -17.50
C SER B 57 9.41 -1.57 -16.18
N HIS B 58 8.13 -1.21 -16.30
CA HIS B 58 7.22 -1.27 -15.18
C HIS B 58 7.21 -2.58 -14.39
N LEU B 59 7.68 -3.66 -14.97
CA LEU B 59 7.84 -4.93 -14.21
C LEU B 59 8.82 -4.84 -13.02
N HIS B 60 9.72 -3.89 -13.10
CA HIS B 60 10.77 -3.68 -12.10
C HIS B 60 10.51 -2.48 -11.14
N ASN B 61 9.29 -1.92 -11.17
CA ASN B 61 8.90 -0.82 -10.28
C ASN B 61 9.00 -1.31 -8.86
N THR B 62 9.36 -0.40 -7.94
CA THR B 62 9.56 -0.73 -6.53
C THR B 62 9.05 0.38 -5.65
N TRP B 63 8.55 0.05 -4.44
CA TRP B 63 8.19 1.10 -3.51
C TRP B 63 9.45 1.45 -2.69
N GLU B 64 9.75 2.72 -2.54
CA GLU B 64 10.91 3.19 -1.78
C GLU B 64 10.50 4.32 -0.85
N THR B 65 11.29 4.57 0.17
CA THR B 65 11.18 5.81 0.90
C THR B 65 12.30 6.76 0.41
N TYR B 66 12.29 8.01 0.89
CA TYR B 66 13.42 8.88 0.65
C TYR B 66 14.72 8.30 1.19
N GLU B 67 14.66 7.71 2.37
CA GLU B 67 15.81 7.08 2.92
C GLU B 67 16.30 5.92 2.06
N SER B 68 15.44 4.98 1.66
CA SER B 68 15.96 3.84 0.86
C SER B 68 16.43 4.25 -0.55
N ILE B 69 15.81 5.23 -1.22
CA ILE B 69 16.33 5.59 -2.54
C ILE B 69 17.72 6.21 -2.40
N GLY B 70 18.04 6.86 -1.29
CA GLY B 70 19.40 7.42 -1.14
C GLY B 70 19.78 8.51 -2.17
N GLN B 71 21.08 8.60 -2.51
CA GLN B 71 21.54 9.55 -3.48
C GLN B 71 21.24 9.15 -4.96
N VAL B 72 20.12 9.59 -5.51
CA VAL B 72 19.57 9.03 -6.70
C VAL B 72 19.43 10.17 -7.75
N ARG B 73 19.54 9.83 -9.04
CA ARG B 73 19.15 10.72 -10.13
C ARG B 73 17.63 10.89 -10.22
N GLY B 74 17.18 12.07 -10.63
CA GLY B 74 15.74 12.29 -10.89
C GLY B 74 15.02 12.61 -9.61
N LEU B 75 15.73 12.95 -8.55
CA LEU B 75 15.08 13.33 -7.27
C LEU B 75 14.00 14.45 -7.35
N LYS B 76 14.22 15.45 -8.19
CA LYS B 76 13.24 16.52 -8.42
C LYS B 76 11.85 15.98 -8.87
N ARG B 77 11.84 14.89 -9.61
CA ARG B 77 10.65 14.14 -9.87
C ARG B 77 9.89 13.65 -8.66
N LEU B 78 10.59 13.05 -7.68
CA LEU B 78 9.97 12.66 -6.42
C LEU B 78 9.42 13.95 -5.76
N ASP B 79 10.25 14.97 -5.52
CA ASP B 79 9.77 16.25 -4.96
C ASP B 79 8.51 16.78 -5.69
N ASN B 80 8.49 16.71 -7.02
CA ASN B 80 7.36 17.29 -7.77
C ASN B 80 6.08 16.45 -7.56
N TYR B 81 6.27 15.13 -7.50
CA TYR B 81 5.19 14.22 -7.21
C TYR B 81 4.61 14.64 -5.87
N CYS B 82 5.47 14.75 -4.86
CA CYS B 82 5.00 15.20 -3.52
C CYS B 82 4.21 16.51 -3.60
N LYS B 83 4.74 17.51 -4.29
CA LYS B 83 4.07 18.80 -4.40
C LYS B 83 2.71 18.68 -5.03
N GLN B 84 2.59 17.99 -6.15
CA GLN B 84 1.32 17.91 -6.81
C GLN B 84 0.32 16.90 -6.19
N PHE B 85 0.77 15.70 -5.87
CA PHE B 85 -0.13 14.62 -5.63
C PHE B 85 -0.36 14.38 -4.17
N ILE B 86 0.44 15.00 -3.30
CA ILE B 86 0.15 14.98 -1.85
C ILE B 86 -0.15 16.36 -1.30
N ILE B 87 0.77 17.31 -1.47
CA ILE B 87 0.67 18.64 -0.83
C ILE B 87 -0.51 19.47 -1.40
N GLU B 88 -0.54 19.67 -2.72
CA GLU B 88 -1.58 20.44 -3.39
C GLU B 88 -2.88 19.71 -3.37
N ASP B 89 -2.85 18.43 -3.61
CA ASP B 89 -4.00 17.62 -3.39
C ASP B 89 -4.69 17.88 -2.04
N GLN B 90 -3.91 17.79 -0.97
CA GLN B 90 -4.37 18.02 0.38
C GLN B 90 -4.78 19.47 0.66
N GLN B 91 -4.12 20.47 0.04
CA GLN B 91 -4.65 21.83 0.04
C GLN B 91 -6.08 21.91 -0.48
N VAL B 92 -6.36 21.23 -1.60
CA VAL B 92 -7.68 21.21 -2.17
C VAL B 92 -8.65 20.43 -1.27
N ARG B 93 -8.30 19.19 -0.86
CA ARG B 93 -9.17 18.33 -0.05
C ARG B 93 -9.54 18.92 1.31
N LEU B 94 -8.57 19.53 1.97
CA LEU B 94 -8.72 20.03 3.31
C LEU B 94 -9.21 21.47 3.31
N ASP B 95 -9.30 22.09 2.15
CA ASP B 95 -9.88 23.41 2.09
C ASP B 95 -11.27 23.46 2.77
N PRO B 96 -11.54 24.59 3.50
CA PRO B 96 -12.83 24.93 4.07
C PRO B 96 -13.99 24.99 3.04
N TYR B 97 -13.73 25.49 1.82
CA TYR B 97 -14.76 25.55 0.73
C TYR B 97 -14.60 24.48 -0.37
N VAL B 98 -14.00 23.34 0.01
CA VAL B 98 -13.97 22.16 -0.84
C VAL B 98 -15.41 21.70 -1.06
N THR B 99 -15.72 21.27 -2.29
CA THR B 99 -17.04 20.71 -2.59
C THR B 99 -17.01 19.18 -2.79
N ALA B 100 -18.17 18.57 -2.63
CA ALA B 100 -18.32 17.17 -2.86
C ALA B 100 -17.99 16.72 -4.30
N GLU B 101 -18.43 17.49 -5.27
CA GLU B 101 -17.82 17.53 -6.62
C GLU B 101 -16.36 17.54 -6.83
N ASP B 102 -15.65 18.50 -6.23
CA ASP B 102 -14.17 18.51 -6.24
C ASP B 102 -13.63 17.20 -5.79
N ILE B 103 -14.15 16.64 -4.72
CA ILE B 103 -13.57 15.42 -4.18
C ILE B 103 -13.77 14.26 -5.16
N GLU B 104 -14.98 14.15 -5.70
CA GLU B 104 -15.28 13.05 -6.60
C GLU B 104 -14.45 13.19 -7.85
N ILE B 105 -14.34 14.38 -8.41
CA ILE B 105 -13.49 14.60 -9.62
C ILE B 105 -12.00 14.23 -9.39
N MET B 106 -11.44 14.64 -8.27
CA MET B 106 -10.08 14.28 -7.91
C MET B 106 -9.89 12.80 -7.69
N ASP B 107 -10.85 12.18 -7.00
CA ASP B 107 -10.80 10.73 -6.84
C ASP B 107 -10.81 9.95 -8.19
N MET B 108 -11.68 10.37 -9.08
CA MET B 108 -11.84 9.65 -10.36
C MET B 108 -10.60 9.89 -11.25
N GLU B 109 -10.03 11.12 -11.18
CA GLU B 109 -8.80 11.48 -11.89
C GLU B 109 -7.62 10.63 -11.47
N ARG B 110 -7.49 10.45 -10.16
CA ARG B 110 -6.45 9.59 -9.61
C ARG B 110 -6.62 8.08 -9.98
N GLU B 111 -7.82 7.53 -9.78
CA GLU B 111 -8.17 6.23 -10.21
C GLU B 111 -7.88 5.99 -11.69
N ARG B 112 -8.29 6.92 -12.56
CA ARG B 112 -8.08 6.77 -13.98
C ARG B 112 -6.55 6.66 -14.24
N ARG B 113 -5.80 7.43 -13.49
CA ARG B 113 -4.38 7.54 -13.73
C ARG B 113 -3.71 6.22 -13.29
N LEU B 114 -4.09 5.76 -12.08
CA LEU B 114 -3.53 4.50 -11.54
C LEU B 114 -3.96 3.33 -12.40
N ASP B 115 -5.20 3.32 -12.91
CA ASP B 115 -5.67 2.26 -13.84
C ASP B 115 -4.80 2.12 -15.09
N GLU B 116 -4.42 3.25 -15.69
CA GLU B 116 -3.52 3.23 -16.83
C GLU B 116 -2.12 2.66 -16.49
N PHE B 117 -1.45 3.07 -15.41
CA PHE B 117 -0.18 2.41 -15.10
C PHE B 117 -0.28 0.89 -14.97
N GLU B 118 -1.44 0.38 -14.56
CA GLU B 118 -1.60 -1.04 -14.31
C GLU B 118 -1.42 -1.83 -15.60
N GLU B 119 -1.71 -1.19 -16.74
CA GLU B 119 -1.55 -1.73 -18.15
C GLU B 119 -0.10 -2.10 -18.45
N PHE B 120 0.81 -1.27 -17.94
CA PHE B 120 2.19 -1.21 -18.40
C PHE B 120 3.09 -2.37 -17.95
N HIS B 121 2.70 -3.14 -16.95
CA HIS B 121 3.42 -4.38 -16.63
C HIS B 121 2.74 -5.62 -17.23
N VAL B 122 1.81 -5.42 -18.16
CA VAL B 122 1.22 -6.55 -18.79
C VAL B 122 1.76 -6.71 -20.24
N PRO B 123 2.36 -7.87 -20.56
CA PRO B 123 2.80 -8.00 -21.97
C PRO B 123 1.63 -8.05 -22.89
N GLU B 124 1.71 -7.31 -23.98
CA GLU B 124 0.75 -7.43 -25.06
C GLU B 124 1.16 -8.57 -26.01
N ARG B 125 2.43 -8.55 -26.41
CA ARG B 125 3.03 -9.55 -27.30
C ARG B 125 4.54 -9.64 -27.01
N ILE B 126 5.09 -10.80 -27.31
CA ILE B 126 6.52 -10.95 -27.38
C ILE B 126 7.08 -10.97 -28.80
N ILE B 127 8.18 -10.23 -29.07
CA ILE B 127 8.35 -9.42 -30.32
C ILE B 127 9.58 -10.20 -30.82
N ASP B 128 10.43 -10.70 -29.91
CA ASP B 128 11.71 -11.18 -30.56
C ASP B 128 12.30 -11.97 -29.37
N SER B 129 13.26 -12.84 -29.63
CA SER B 129 13.87 -13.64 -28.56
C SER B 129 15.37 -13.91 -28.80
N GLN B 130 16.26 -13.32 -28.01
CA GLN B 130 17.73 -13.60 -28.15
C GLN B 130 18.22 -14.28 -26.91
N ARG B 131 19.29 -15.06 -27.03
CA ARG B 131 19.89 -15.64 -25.85
C ARG B 131 21.14 -14.85 -25.43
N ALA B 132 21.23 -14.48 -24.15
CA ALA B 132 22.34 -13.67 -23.65
C ALA B 132 23.48 -14.54 -23.15
N SER B 133 24.71 -14.10 -23.39
CA SER B 133 25.87 -14.74 -22.83
C SER B 133 26.32 -14.01 -21.59
N LEU B 134 26.35 -14.73 -20.49
CA LEU B 134 26.75 -14.16 -19.23
C LEU B 134 28.24 -14.35 -19.03
N GLU B 135 28.84 -13.49 -18.21
CA GLU B 135 30.25 -13.55 -17.86
C GLU B 135 30.74 -14.93 -17.43
N ASP B 136 29.98 -15.58 -16.55
CA ASP B 136 30.20 -17.02 -16.16
C ASP B 136 30.27 -17.86 -17.45
N GLY B 137 30.57 -19.15 -17.38
CA GLY B 137 30.20 -19.98 -18.55
C GLY B 137 28.78 -19.86 -19.17
N THR B 138 27.83 -19.25 -18.47
CA THR B 138 26.42 -19.56 -18.72
C THR B 138 25.62 -18.69 -19.80
N SER B 139 24.41 -19.11 -20.14
CA SER B 139 23.54 -18.28 -21.01
C SER B 139 22.06 -18.22 -20.58
N GLN B 140 21.39 -17.08 -20.86
CA GLN B 140 19.94 -16.96 -20.56
C GLN B 140 19.09 -16.36 -21.68
N LEU B 141 18.00 -17.06 -21.98
CA LEU B 141 17.05 -16.63 -23.02
C LEU B 141 16.36 -15.34 -22.62
N GLN B 142 16.22 -14.44 -23.60
CA GLN B 142 15.57 -13.15 -23.40
C GLN B 142 14.40 -12.98 -24.36
N TYR B 143 13.33 -12.28 -23.90
CA TYR B 143 12.23 -11.91 -24.76
C TYR B 143 12.11 -10.39 -24.89
N LEU B 144 11.91 -9.89 -26.11
CA LEU B 144 11.58 -8.48 -26.33
C LEU B 144 10.08 -8.35 -26.19
N VAL B 145 9.63 -7.65 -25.15
CA VAL B 145 8.20 -7.57 -24.83
C VAL B 145 7.56 -6.22 -25.18
N LYS B 146 6.55 -6.21 -26.04
CA LYS B 146 5.71 -5.04 -26.17
C LYS B 146 4.71 -4.98 -25.04
N TRP B 147 4.68 -3.87 -24.32
CA TRP B 147 3.79 -3.76 -23.15
C TRP B 147 2.44 -3.20 -23.59
N ARG B 148 1.36 -3.54 -22.87
CA ARG B 148 0.02 -3.01 -23.15
C ARG B 148 0.06 -1.48 -23.06
N ARG B 149 -0.54 -0.86 -24.08
CA ARG B 149 -0.69 0.60 -24.11
C ARG B 149 0.61 1.45 -23.99
N LEU B 150 1.77 0.84 -24.19
CA LEU B 150 3.00 1.58 -24.31
C LEU B 150 3.48 1.33 -25.73
N ASN B 151 4.17 2.26 -26.38
CA ASN B 151 4.51 1.88 -27.75
C ASN B 151 5.79 1.07 -27.90
N TYR B 152 6.14 0.77 -29.15
CA TYR B 152 7.23 -0.11 -29.51
C TYR B 152 8.59 0.39 -28.99
N ASP B 153 8.76 1.72 -28.92
CA ASP B 153 9.91 2.37 -28.27
C ASP B 153 10.16 1.90 -26.84
N GLU B 154 9.13 1.40 -26.20
CA GLU B 154 9.26 1.05 -24.79
C GLU B 154 9.26 -0.44 -24.59
N ALA B 155 9.29 -1.18 -25.70
CA ALA B 155 9.34 -2.63 -25.62
C ALA B 155 10.68 -2.82 -24.95
N THR B 156 10.76 -3.79 -24.04
CA THR B 156 12.01 -4.07 -23.35
C THR B 156 12.41 -5.53 -23.40
N TRP B 157 13.73 -5.75 -23.41
CA TRP B 157 14.29 -7.08 -23.26
C TRP B 157 14.14 -7.63 -21.83
N GLU B 158 13.50 -8.80 -21.66
CA GLU B 158 13.27 -9.34 -20.32
C GLU B 158 13.72 -10.78 -20.24
N ASN B 159 14.09 -11.21 -19.03
CA ASN B 159 14.42 -12.59 -18.81
C ASN B 159 13.23 -13.45 -19.21
N ALA B 160 13.49 -14.42 -20.08
CA ALA B 160 12.47 -15.31 -20.63
C ALA B 160 11.74 -16.03 -19.55
N THR B 161 12.45 -16.47 -18.53
CA THR B 161 11.75 -17.26 -17.54
C THR B 161 10.98 -16.26 -16.62
N ASP B 162 11.37 -14.99 -16.50
CA ASP B 162 10.30 -14.22 -15.83
C ASP B 162 9.02 -14.08 -16.62
N ILE B 163 9.15 -13.99 -17.94
CA ILE B 163 8.01 -13.65 -18.73
C ILE B 163 7.02 -14.80 -18.76
N VAL B 164 7.52 -16.03 -18.57
CA VAL B 164 6.71 -17.23 -18.54
C VAL B 164 5.92 -17.34 -17.24
N LYS B 165 6.55 -16.88 -16.15
CA LYS B 165 5.85 -16.78 -14.84
C LYS B 165 4.72 -15.72 -14.90
N LEU B 166 4.98 -14.63 -15.60
CA LEU B 166 4.11 -13.50 -15.73
C LEU B 166 2.97 -13.65 -16.79
N ALA B 167 3.28 -14.32 -17.87
CA ALA B 167 2.50 -14.22 -19.08
C ALA B 167 2.69 -15.51 -19.87
N PRO B 168 2.37 -16.64 -19.22
CA PRO B 168 2.52 -17.97 -19.91
C PRO B 168 1.68 -18.08 -21.24
N GLU B 169 0.41 -17.68 -21.26
CA GLU B 169 -0.27 -17.66 -22.59
C GLU B 169 0.44 -16.84 -23.70
N GLN B 170 1.01 -15.67 -23.37
CA GLN B 170 1.61 -14.78 -24.40
C GLN B 170 2.92 -15.40 -24.89
N VAL B 171 3.52 -16.21 -24.02
CA VAL B 171 4.75 -16.92 -24.36
C VAL B 171 4.26 -18.12 -25.14
N LYS B 172 3.21 -18.79 -24.73
CA LYS B 172 2.78 -19.85 -25.59
C LYS B 172 2.51 -19.39 -27.01
N HIS B 173 1.82 -18.26 -27.16
CA HIS B 173 1.46 -17.82 -28.50
C HIS B 173 2.75 -17.39 -29.22
N PHE B 174 3.86 -17.47 -28.50
CA PHE B 174 5.11 -17.02 -29.10
C PHE B 174 5.80 -17.81 -30.20
N GLN B 175 6.10 -19.11 -30.06
CA GLN B 175 6.02 -20.01 -28.86
C GLN B 175 7.07 -20.15 -27.78
#